data_3PSE
#
_entry.id   3PSE
#
_cell.length_a   34.740
_cell.length_b   69.810
_cell.length_c   69.670
_cell.angle_alpha   90.00
_cell.angle_beta   93.62
_cell.angle_gamma   90.00
#
_symmetry.space_group_name_H-M   'P 1 21 1'
#
loop_
_entity.id
_entity.type
_entity.pdbx_description
1 polymer 'RNA polymerase'
2 polymer 'Ubiquitin-like protein ISG15'
3 non-polymer '1.7.6 3-bromanylpropan-1-amine'
4 non-polymer GLYCEROL
5 water water
#
loop_
_entity_poly.entity_id
_entity_poly.type
_entity_poly.pdbx_seq_one_letter_code
_entity_poly.pdbx_strand_id
1 'polypeptide(L)'
;GPMDFLRSLDWTQVIAGQYVSNPRFNISDYFEIVRQPGDGNCFYHSIAELTMPNKTDHSYHYIKRLTESAARKYYQEEPE
ARLVGLSLEDYLKRMLSDNEWGSTLEASMLAKEMGITIIIWTVAASDEVEAGIKFGDGDVFTAVNLLHSGQTHFDALRIL
PQFETDTREAL
;
A
2 'polypeptide(L)'
;MGWDLTVKMLAGNEFQVSLSSSMSVSELKAQITQKIGVHAFQQRLAVHPSGVALQDRVPLASQGLGPGSTVLLVVDKSDE
PLNILVRNNKGRSSTYEVRLTQTVAHLKQQVSGLEGVQDDLFWLTFEGKPLEDQLPLGEYGLKPLSTVFMNLRLRG
;
B
#
# COMPACT_ATOMS: atom_id res chain seq x y z
N GLY A 1 25.89 20.95 1.18
CA GLY A 1 24.98 20.18 0.34
C GLY A 1 24.84 20.74 -1.06
N PRO A 2 25.05 19.89 -2.08
CA PRO A 2 25.01 20.32 -3.48
C PRO A 2 23.61 20.32 -4.07
N MET A 3 23.44 21.06 -5.17
CA MET A 3 22.17 21.07 -5.90
C MET A 3 22.00 19.74 -6.59
N ASP A 4 23.14 19.08 -6.83
CA ASP A 4 23.15 17.77 -7.46
C ASP A 4 22.46 16.74 -6.57
N PHE A 5 22.37 17.04 -5.28
CA PHE A 5 21.80 16.09 -4.32
C PHE A 5 20.29 16.04 -4.37
N LEU A 6 19.64 17.18 -4.18
CA LEU A 6 18.19 17.24 -4.27
C LEU A 6 17.71 16.78 -5.63
N ARG A 7 18.56 16.94 -6.64
CA ARG A 7 18.18 16.65 -8.01
C ARG A 7 18.21 15.15 -8.28
N SER A 8 19.00 14.44 -7.48
CA SER A 8 19.26 13.03 -7.77
C SER A 8 18.61 12.04 -6.80
N LEU A 9 17.58 12.46 -6.07
CA LEU A 9 16.90 11.55 -5.13
C LEU A 9 16.30 10.37 -5.90
N ASP A 10 16.40 9.19 -5.32
CA ASP A 10 15.87 7.99 -5.96
C ASP A 10 14.59 7.51 -5.28
N TRP A 11 13.48 7.61 -6.03
CA TRP A 11 12.17 7.23 -5.53
C TRP A 11 11.76 5.84 -6.02
N THR A 12 11.34 5.00 -5.08
CA THR A 12 10.89 3.65 -5.37
C THR A 12 9.38 3.56 -5.24
N GLN A 13 8.74 3.03 -6.28
CA GLN A 13 7.29 2.95 -6.32
C GLN A 13 6.80 1.92 -5.33
N VAL A 14 5.80 2.31 -4.54
CA VAL A 14 5.18 1.39 -3.59
C VAL A 14 3.89 0.84 -4.22
N ILE A 15 2.99 1.74 -4.61
CA ILE A 15 1.85 1.40 -5.45
C ILE A 15 1.77 2.53 -6.45
N ALA A 16 0.92 2.42 -7.45
CA ALA A 16 0.76 3.54 -8.39
C ALA A 16 0.49 4.85 -7.64
N GLY A 17 1.33 5.86 -7.86
CA GLY A 17 1.12 7.18 -7.27
C GLY A 17 1.69 7.37 -5.87
N GLN A 18 2.33 6.36 -5.34
CA GLN A 18 2.93 6.47 -4.01
C GLN A 18 4.36 5.93 -4.05
N TYR A 19 5.30 6.68 -3.47
CA TYR A 19 6.70 6.30 -3.55
C TYR A 19 7.40 6.40 -2.23
N VAL A 20 8.58 5.81 -2.15
CA VAL A 20 9.39 5.90 -0.97
C VAL A 20 10.87 6.07 -1.34
N SER A 21 11.61 6.74 -0.48
CA SER A 21 13.03 6.95 -0.68
C SER A 21 13.74 6.94 0.67
N ASN A 22 14.96 6.44 0.73
CA ASN A 22 15.78 6.54 1.95
C ASN A 22 17.08 7.32 1.75
N PRO A 23 16.96 8.62 1.48
CA PRO A 23 18.17 9.41 1.30
C PRO A 23 18.84 9.58 2.65
N ARG A 24 20.10 9.96 2.64
CA ARG A 24 20.78 10.25 3.89
C ARG A 24 21.22 11.70 3.92
N PHE A 25 20.48 12.53 4.67
CA PHE A 25 20.80 13.94 4.80
C PHE A 25 20.09 14.53 6.01
N ASN A 26 20.50 15.74 6.37
CA ASN A 26 19.84 16.48 7.44
C ASN A 26 18.85 17.49 6.86
N ILE A 27 17.65 17.54 7.42
CA ILE A 27 16.59 18.40 6.91
C ILE A 27 17.10 19.83 6.71
N SER A 28 17.75 20.37 7.73
CA SER A 28 18.12 21.79 7.79
C SER A 28 19.24 22.17 6.84
N ASP A 29 19.79 21.19 6.13
CA ASP A 29 20.79 21.47 5.11
C ASP A 29 20.14 21.87 3.79
N TYR A 30 18.87 21.53 3.61
CA TYR A 30 18.20 21.85 2.35
C TYR A 30 16.87 22.57 2.55
N PHE A 31 16.30 22.46 3.75
CA PHE A 31 15.01 23.06 4.05
C PHE A 31 15.03 24.03 5.20
N GLU A 32 14.08 24.96 5.14
CA GLU A 32 13.72 25.78 6.30
C GLU A 32 12.53 25.09 6.95
N ILE A 33 12.62 24.81 8.24
CA ILE A 33 11.49 24.27 8.97
C ILE A 33 10.53 25.36 9.46
N VAL A 34 9.31 25.36 8.95
CA VAL A 34 8.28 26.30 9.40
C VAL A 34 7.36 25.65 10.44
N ARG A 35 7.62 25.96 11.71
CA ARG A 35 6.95 25.35 12.85
C ARG A 35 5.45 25.64 12.88
N GLN A 36 4.65 24.65 13.28
CA GLN A 36 3.19 24.80 13.30
C GLN A 36 2.66 24.80 14.74
N PRO A 37 1.45 25.35 14.95
CA PRO A 37 0.87 25.62 16.27
C PRO A 37 1.04 24.54 17.33
N GLY A 38 0.90 23.28 16.98
CA GLY A 38 1.04 22.22 17.98
C GLY A 38 -0.25 21.87 18.70
N ASP A 39 -1.38 22.35 18.17
CA ASP A 39 -2.68 21.85 18.59
C ASP A 39 -2.87 20.55 17.83
N GLY A 40 -4.05 19.96 17.86
CA GLY A 40 -4.25 18.71 17.15
C GLY A 40 -4.40 18.88 15.65
N ASN A 41 -4.09 20.08 15.15
CA ASN A 41 -4.33 20.42 13.75
C ASN A 41 -3.10 20.59 12.88
N CYS A 42 -1.92 20.30 13.44
CA CYS A 42 -0.66 20.61 12.77
C CYS A 42 -0.53 20.02 11.36
N PHE A 43 -1.15 18.88 11.10
CA PHE A 43 -1.10 18.32 9.74
C PHE A 43 -1.73 19.31 8.76
N TYR A 44 -2.95 19.73 9.08
CA TYR A 44 -3.68 20.66 8.24
C TYR A 44 -3.06 22.06 8.20
N HIS A 45 -2.47 22.50 9.31
CA HIS A 45 -1.70 23.74 9.35
C HIS A 45 -0.53 23.68 8.38
N SER A 46 0.16 22.55 8.34
CA SER A 46 1.33 22.43 7.47
C SER A 46 0.96 22.52 6.00
N ILE A 47 -0.11 21.83 5.62
CA ILE A 47 -0.62 21.92 4.24
C ILE A 47 -1.00 23.34 3.87
N ALA A 48 -1.75 24.00 4.75
CA ALA A 48 -2.22 25.35 4.49
C ALA A 48 -1.06 26.31 4.32
N GLU A 49 -0.01 26.08 5.12
CA GLU A 49 1.15 26.95 5.14
C GLU A 49 1.79 26.96 3.76
N LEU A 50 1.68 25.84 3.05
CA LEU A 50 2.35 25.68 1.77
C LEU A 50 1.44 25.80 0.56
N THR A 51 0.12 25.91 0.78
CA THR A 51 -0.82 25.95 -0.35
C THR A 51 -1.76 27.16 -0.35
N MET A 52 -1.92 27.82 0.78
CA MET A 52 -2.81 28.99 0.84
C MET A 52 -2.03 30.28 1.04
N PRO A 53 -2.36 31.31 0.26
CA PRO A 53 -1.71 32.62 0.42
C PRO A 53 -2.16 33.28 1.72
N ASN A 54 -1.34 34.20 2.24
CA ASN A 54 -1.68 34.92 3.47
C ASN A 54 -2.22 33.99 4.55
N LYS A 55 -1.54 32.87 4.74
CA LYS A 55 -1.95 31.83 5.67
C LYS A 55 -1.98 32.31 7.12
N THR A 56 -3.06 32.00 7.83
CA THR A 56 -3.17 32.27 9.25
C THR A 56 -3.43 30.95 9.97
N ASP A 57 -3.71 31.02 11.27
CA ASP A 57 -3.88 29.80 12.04
C ASP A 57 -5.31 29.25 12.03
N HIS A 58 -6.15 29.82 11.17
CA HIS A 58 -7.47 29.27 10.92
C HIS A 58 -7.63 28.84 9.47
N SER A 59 -6.61 29.09 8.66
CA SER A 59 -6.60 28.63 7.26
C SER A 59 -6.89 27.14 7.13
N TYR A 60 -6.46 26.35 8.10
CA TYR A 60 -6.52 24.89 8.00
C TYR A 60 -7.93 24.36 7.81
N HIS A 61 -8.92 25.22 8.05
CA HIS A 61 -10.31 24.84 7.88
C HIS A 61 -10.62 24.53 6.43
N TYR A 62 -10.01 25.29 5.51
CA TYR A 62 -10.18 25.05 4.08
C TYR A 62 -9.57 23.70 3.69
N ILE A 63 -8.45 23.35 4.32
CA ILE A 63 -7.76 22.11 4.02
C ILE A 63 -8.61 20.91 4.46
N LYS A 64 -9.20 21.01 5.65
CA LYS A 64 -10.08 19.96 6.12
C LYS A 64 -11.36 19.85 5.29
N ARG A 65 -11.86 20.98 4.78
CA ARG A 65 -12.99 20.93 3.87
C ARG A 65 -12.60 20.15 2.63
N LEU A 66 -11.41 20.45 2.11
CA LEU A 66 -10.86 19.70 0.97
C LEU A 66 -10.73 18.20 1.24
N THR A 67 -10.41 17.85 2.49
CA THR A 67 -10.17 16.47 2.86
C THR A 67 -11.49 15.70 2.92
N GLU A 68 -12.55 16.38 3.31
CA GLU A 68 -13.89 15.80 3.32
C GLU A 68 -14.36 15.42 1.91
N SER A 69 -14.21 16.33 0.95
CA SER A 69 -14.64 16.02 -0.40
C SER A 69 -13.71 14.96 -0.98
N ALA A 70 -12.44 15.04 -0.61
CA ALA A 70 -11.47 14.03 -1.00
C ALA A 70 -11.94 12.66 -0.53
N ALA A 71 -12.27 12.55 0.75
CA ALA A 71 -12.74 11.30 1.34
C ALA A 71 -13.95 10.73 0.59
N ARG A 72 -14.88 11.59 0.23
CA ARG A 72 -16.08 11.14 -0.46
C ARG A 72 -15.72 10.51 -1.80
N LYS A 73 -14.73 11.06 -2.49
CA LYS A 73 -14.29 10.50 -3.78
C LYS A 73 -13.37 9.30 -3.65
N TYR A 74 -12.53 9.29 -2.62
CA TYR A 74 -11.39 8.37 -2.57
C TYR A 74 -11.31 7.43 -1.35
N TYR A 75 -11.89 7.81 -0.22
CA TYR A 75 -11.69 7.03 1.02
C TYR A 75 -11.83 5.52 0.82
N GLN A 76 -12.89 5.09 0.14
CA GLN A 76 -13.19 3.67 0.09
C GLN A 76 -12.12 2.88 -0.65
N GLU A 77 -11.41 3.55 -1.53
CA GLU A 77 -10.37 2.90 -2.33
C GLU A 77 -8.96 3.07 -1.76
N GLU A 78 -8.82 3.79 -0.65
CA GLU A 78 -7.51 4.00 -0.03
C GLU A 78 -7.09 2.78 0.79
N PRO A 79 -5.81 2.39 0.66
CA PRO A 79 -5.22 1.26 1.39
C PRO A 79 -5.12 1.46 2.91
N GLU A 80 -4.94 2.68 3.39
CA GLU A 80 -4.91 2.92 4.83
C GLU A 80 -6.30 2.93 5.45
N ALA A 81 -7.33 3.05 4.62
CA ALA A 81 -8.70 3.14 5.13
C ALA A 81 -9.10 1.88 5.86
N ARG A 82 -8.46 0.77 5.52
CA ARG A 82 -8.70 -0.50 6.19
C ARG A 82 -7.99 -0.54 7.54
N LEU A 83 -6.87 0.17 7.66
CA LEU A 83 -6.26 0.35 8.98
C LEU A 83 -7.24 1.10 9.88
N VAL A 84 -7.79 2.20 9.36
CA VAL A 84 -8.78 2.98 10.09
C VAL A 84 -10.02 2.14 10.44
N GLY A 85 -10.62 1.50 9.44
CA GLY A 85 -11.70 0.55 9.69
C GLY A 85 -13.06 1.15 10.00
N LEU A 86 -13.28 2.39 9.56
CA LEU A 86 -14.58 3.04 9.74
C LEU A 86 -15.23 3.23 8.38
N SER A 87 -16.56 3.26 8.37
CA SER A 87 -17.32 3.58 7.17
C SER A 87 -16.98 5.01 6.76
N LEU A 88 -17.28 5.36 5.52
CA LEU A 88 -16.98 6.69 5.03
C LEU A 88 -17.57 7.72 5.96
N GLU A 89 -18.82 7.50 6.37
CA GLU A 89 -19.53 8.47 7.21
C GLU A 89 -18.99 8.54 8.64
N ASP A 90 -18.67 7.39 9.24
CA ASP A 90 -18.01 7.39 10.53
C ASP A 90 -16.65 8.07 10.41
N TYR A 91 -15.91 7.74 9.37
CA TYR A 91 -14.62 8.37 9.13
C TYR A 91 -14.75 9.90 9.12
N LEU A 92 -15.72 10.40 8.36
CA LEU A 92 -15.90 11.83 8.17
C LEU A 92 -16.28 12.52 9.47
N LYS A 93 -17.18 11.88 10.22
CA LYS A 93 -17.60 12.37 11.54
C LYS A 93 -16.44 12.53 12.53
N ARG A 94 -15.45 11.63 12.43
CA ARG A 94 -14.27 11.72 13.28
C ARG A 94 -13.28 12.75 12.74
N MET A 95 -12.99 12.67 11.45
CA MET A 95 -11.96 13.51 10.83
C MET A 95 -12.28 14.99 10.95
N LEU A 96 -13.56 15.31 10.85
CA LEU A 96 -14.02 16.69 10.87
C LEU A 96 -14.14 17.24 12.28
N SER A 97 -13.95 16.38 13.29
CA SER A 97 -14.07 16.87 14.66
C SER A 97 -12.80 17.59 15.10
N ASP A 98 -12.96 18.59 15.95
CA ASP A 98 -11.88 19.48 16.38
C ASP A 98 -10.67 18.74 16.92
N ASN A 99 -9.49 19.17 16.50
CA ASN A 99 -8.22 18.62 16.99
C ASN A 99 -7.97 17.14 16.73
N GLU A 100 -8.72 16.57 15.78
CA GLU A 100 -8.46 15.20 15.39
C GLU A 100 -7.24 15.21 14.48
N TRP A 101 -6.31 14.30 14.75
CA TRP A 101 -5.03 14.28 14.05
C TRP A 101 -5.14 13.89 12.57
N GLY A 102 -4.33 14.54 11.75
CA GLY A 102 -4.17 14.18 10.35
C GLY A 102 -3.11 13.11 10.23
N SER A 103 -2.92 12.57 9.04
CA SER A 103 -2.08 11.40 8.83
C SER A 103 -1.79 11.19 7.35
N THR A 104 -0.98 10.18 7.07
CA THR A 104 -0.66 9.75 5.72
C THR A 104 -1.91 9.43 4.87
N LEU A 105 -2.97 8.93 5.50
CA LEU A 105 -4.23 8.69 4.81
C LEU A 105 -4.84 9.97 4.20
N GLU A 106 -4.88 11.05 5.00
CA GLU A 106 -5.33 12.37 4.51
C GLU A 106 -4.37 12.96 3.49
N ALA A 107 -3.07 12.78 3.68
CA ALA A 107 -2.08 13.19 2.68
C ALA A 107 -2.27 12.47 1.33
N SER A 108 -2.57 11.18 1.38
CA SER A 108 -2.84 10.43 0.16
C SER A 108 -4.04 11.00 -0.60
N MET A 109 -5.16 11.15 0.10
CA MET A 109 -6.40 11.64 -0.53
C MET A 109 -6.28 13.09 -0.99
N LEU A 110 -5.61 13.91 -0.19
CA LEU A 110 -5.45 15.32 -0.51
C LEU A 110 -4.61 15.52 -1.75
N ALA A 111 -3.63 14.65 -1.94
CA ALA A 111 -2.77 14.70 -3.11
C ALA A 111 -3.61 14.54 -4.36
N LYS A 112 -4.54 13.59 -4.32
CA LYS A 112 -5.45 13.36 -5.44
C LYS A 112 -6.40 14.55 -5.63
N GLU A 113 -6.98 15.00 -4.53
CA GLU A 113 -8.00 16.07 -4.56
C GLU A 113 -7.49 17.41 -5.11
N MET A 114 -6.26 17.79 -4.78
CA MET A 114 -5.71 19.06 -5.21
C MET A 114 -4.66 18.91 -6.32
N GLY A 115 -4.63 17.74 -6.95
CA GLY A 115 -3.64 17.42 -7.97
C GLY A 115 -2.17 17.69 -7.65
N ILE A 116 -1.83 17.74 -6.36
CA ILE A 116 -0.47 18.07 -5.92
C ILE A 116 0.33 16.85 -5.50
N THR A 117 1.61 17.08 -5.21
CA THR A 117 2.47 16.04 -4.67
C THR A 117 2.84 16.41 -3.25
N ILE A 118 2.64 15.50 -2.33
CA ILE A 118 3.00 15.73 -0.94
C ILE A 118 4.09 14.76 -0.55
N ILE A 119 5.15 15.26 0.07
CA ILE A 119 6.18 14.40 0.65
C ILE A 119 6.18 14.59 2.16
N ILE A 120 6.10 13.48 2.87
CA ILE A 120 6.30 13.51 4.29
C ILE A 120 7.69 12.94 4.57
N TRP A 121 8.54 13.78 5.17
CA TRP A 121 9.89 13.36 5.52
C TRP A 121 9.91 13.00 6.99
N THR A 122 10.37 11.79 7.29
CA THR A 122 10.41 11.31 8.67
C THR A 122 11.82 11.37 9.22
N VAL A 123 11.95 11.87 10.45
CA VAL A 123 13.21 11.86 11.18
C VAL A 123 13.00 11.19 12.53
N ALA A 124 13.88 10.27 12.90
CA ALA A 124 13.79 9.60 14.20
C ALA A 124 14.39 10.44 15.32
N ALA A 125 15.54 11.06 15.03
CA ALA A 125 16.23 11.88 16.02
C ALA A 125 16.87 13.06 15.31
N SER A 126 17.03 14.18 16.02
CA SER A 126 17.58 15.37 15.41
C SER A 126 16.78 15.71 14.14
N ASP A 127 17.49 16.03 13.07
CA ASP A 127 16.88 16.26 11.78
C ASP A 127 17.44 15.29 10.73
N GLU A 128 17.90 14.13 11.17
CA GLU A 128 18.45 13.14 10.25
C GLU A 128 17.34 12.33 9.58
N VAL A 129 17.19 12.50 8.28
CA VAL A 129 16.12 11.84 7.52
C VAL A 129 16.16 10.32 7.63
N GLU A 130 15.04 9.71 7.97
CA GLU A 130 14.98 8.26 7.95
C GLU A 130 14.32 7.82 6.64
N ALA A 131 13.24 8.48 6.26
CA ALA A 131 12.56 8.16 5.01
C ALA A 131 11.82 9.34 4.46
N GLY A 132 11.56 9.30 3.16
CA GLY A 132 10.65 10.22 2.52
C GLY A 132 9.53 9.39 1.93
N ILE A 133 8.29 9.83 2.16
CA ILE A 133 7.13 9.15 1.61
C ILE A 133 6.39 10.13 0.72
N LYS A 134 6.19 9.74 -0.53
CA LYS A 134 5.70 10.67 -1.54
C LYS A 134 4.36 10.24 -2.09
N PHE A 135 3.39 11.15 -2.04
CA PHE A 135 2.09 10.91 -2.63
C PHE A 135 1.91 11.81 -3.84
N GLY A 136 1.87 11.22 -5.02
CA GLY A 136 1.81 12.00 -6.25
C GLY A 136 3.10 11.89 -7.04
N ASP A 137 3.08 12.34 -8.28
CA ASP A 137 4.16 12.08 -9.22
C ASP A 137 5.17 13.22 -9.41
N GLY A 138 4.95 14.35 -8.76
CA GLY A 138 5.87 15.49 -8.90
C GLY A 138 7.21 15.26 -8.23
N ASP A 139 8.15 16.19 -8.42
CA ASP A 139 9.43 16.06 -7.72
C ASP A 139 9.49 16.94 -6.48
N VAL A 140 10.58 16.85 -5.74
CA VAL A 140 10.75 17.55 -4.46
C VAL A 140 10.64 19.08 -4.61
N PHE A 141 11.06 19.61 -5.76
CA PHE A 141 11.01 21.06 -5.99
C PHE A 141 9.59 21.60 -6.15
N THR A 142 8.67 20.75 -6.60
CA THR A 142 7.29 21.16 -6.79
C THR A 142 6.38 20.65 -5.67
N ALA A 143 6.89 19.78 -4.81
CA ALA A 143 6.06 19.14 -3.80
C ALA A 143 5.72 20.06 -2.62
N VAL A 144 4.64 19.70 -1.94
CA VAL A 144 4.37 20.20 -0.61
C VAL A 144 5.16 19.29 0.35
N ASN A 145 6.28 19.79 0.89
CA ASN A 145 7.14 19.00 1.79
C ASN A 145 6.78 19.18 3.27
N LEU A 146 6.41 18.09 3.95
CA LEU A 146 6.14 18.16 5.38
C LEU A 146 7.22 17.41 6.14
N LEU A 147 7.39 17.78 7.40
CA LEU A 147 8.30 17.11 8.30
C LEU A 147 7.48 16.41 9.38
N HIS A 148 7.69 15.11 9.55
CA HIS A 148 7.08 14.38 10.65
C HIS A 148 8.16 14.00 11.65
N SER A 149 8.09 14.52 12.86
CA SER A 149 9.11 14.22 13.87
C SER A 149 8.49 13.93 15.23
N GLY A 150 9.30 13.41 16.15
CA GLY A 150 8.85 13.15 17.50
C GLY A 150 7.68 12.19 17.56
N GLN A 151 7.53 11.38 16.51
CA GLN A 151 6.46 10.38 16.45
C GLN A 151 5.05 10.97 16.29
N THR A 152 4.86 12.23 16.66
CA THR A 152 3.52 12.80 16.60
C THR A 152 3.41 14.26 16.12
N HIS A 153 4.47 14.84 15.59
CA HIS A 153 4.38 16.22 15.13
CA HIS A 153 4.43 16.23 15.14
C HIS A 153 4.57 16.38 13.62
N PHE A 154 3.82 17.31 13.05
CA PHE A 154 3.99 17.68 11.65
C PHE A 154 4.39 19.14 11.56
N ASP A 155 5.42 19.43 10.78
CA ASP A 155 5.76 20.81 10.43
C ASP A 155 5.84 20.95 8.91
N ALA A 156 5.84 22.19 8.42
CA ALA A 156 6.01 22.47 7.00
C ALA A 156 7.46 22.77 6.70
N LEU A 157 7.88 22.43 5.49
CA LEU A 157 9.25 22.70 5.05
C LEU A 157 9.20 23.54 3.79
N ARG A 158 10.14 24.48 3.68
CA ARG A 158 10.38 25.18 2.42
C ARG A 158 11.82 24.97 2.02
N ILE A 159 12.05 24.65 0.75
CA ILE A 159 13.40 24.55 0.22
C ILE A 159 14.12 25.89 0.37
N LEU A 160 15.35 25.84 0.86
CA LEU A 160 16.17 27.03 1.00
C LEU A 160 16.43 27.64 -0.36
N PRO A 161 16.49 28.98 -0.43
CA PRO A 161 16.58 29.74 -1.68
C PRO A 161 17.73 29.32 -2.58
N GLN A 162 18.85 28.93 -1.98
CA GLN A 162 20.04 28.66 -2.77
C GLN A 162 19.93 27.36 -3.56
N PHE A 163 18.88 26.58 -3.29
CA PHE A 163 18.67 25.31 -3.98
C PHE A 163 17.47 25.34 -4.94
N GLU A 164 17.23 26.50 -5.55
CA GLU A 164 16.15 26.63 -6.53
C GLU A 164 16.47 27.72 -7.55
N ASP B 4 -19.74 -23.35 -21.33
CA ASP B 4 -19.84 -24.31 -20.25
C ASP B 4 -18.75 -25.37 -20.37
N LEU B 5 -18.38 -25.98 -19.25
CA LEU B 5 -17.28 -26.95 -19.21
C LEU B 5 -17.36 -27.78 -17.93
N THR B 6 -17.09 -29.08 -18.03
CA THR B 6 -17.18 -29.97 -16.88
C THR B 6 -15.84 -30.13 -16.15
N VAL B 7 -15.87 -30.07 -14.83
CA VAL B 7 -14.66 -30.18 -14.03
C VAL B 7 -14.73 -31.42 -13.15
N LYS B 8 -13.77 -32.32 -13.33
CA LYS B 8 -13.78 -33.57 -12.58
C LYS B 8 -12.76 -33.51 -11.47
N MET B 9 -13.24 -33.37 -10.23
CA MET B 9 -12.37 -33.48 -9.08
C MET B 9 -11.79 -34.89 -9.09
N LEU B 10 -10.62 -35.07 -8.50
CA LEU B 10 -9.97 -36.39 -8.50
C LEU B 10 -10.58 -37.35 -7.49
N ALA B 11 -10.56 -36.98 -6.21
CA ALA B 11 -11.17 -37.80 -5.17
C ALA B 11 -12.60 -37.34 -4.89
N GLY B 12 -12.95 -36.18 -5.42
CA GLY B 12 -14.29 -35.63 -5.28
C GLY B 12 -15.25 -36.30 -6.24
N ASN B 13 -15.85 -35.51 -7.12
CA ASN B 13 -16.78 -36.05 -8.11
C ASN B 13 -16.77 -35.26 -9.42
N GLU B 14 -17.68 -34.30 -9.53
CA GLU B 14 -17.83 -33.49 -10.74
C GLU B 14 -18.70 -32.26 -10.51
N PHE B 15 -18.55 -31.27 -11.38
CA PHE B 15 -19.44 -30.11 -11.40
C PHE B 15 -19.25 -29.32 -12.68
N GLN B 16 -20.14 -28.37 -12.94
CA GLN B 16 -20.08 -27.59 -14.18
C GLN B 16 -19.81 -26.12 -13.91
N VAL B 17 -19.32 -25.42 -14.93
CA VAL B 17 -19.04 -23.98 -14.85
C VAL B 17 -19.16 -23.36 -16.25
N SER B 18 -19.46 -22.07 -16.31
CA SER B 18 -19.59 -21.38 -17.59
C SER B 18 -18.51 -20.30 -17.76
N LEU B 19 -18.00 -20.15 -18.99
CA LEU B 19 -17.00 -19.14 -19.28
C LEU B 19 -17.43 -18.24 -20.43
N MET B 23 -13.13 -16.10 -21.06
CA MET B 23 -12.87 -17.53 -21.25
C MET B 23 -11.38 -17.86 -21.21
N SER B 24 -10.70 -17.43 -20.15
CA SER B 24 -9.28 -17.71 -19.98
C SER B 24 -9.06 -18.82 -18.95
N VAL B 25 -7.79 -19.15 -18.68
CA VAL B 25 -7.47 -20.13 -17.65
C VAL B 25 -7.59 -19.50 -16.27
N SER B 26 -7.41 -18.19 -16.22
CA SER B 26 -7.50 -17.43 -14.99
C SER B 26 -8.95 -17.19 -14.56
N GLU B 27 -9.86 -17.16 -15.53
CA GLU B 27 -11.29 -17.05 -15.25
C GLU B 27 -11.87 -18.41 -14.89
N LEU B 28 -11.28 -19.47 -15.43
CA LEU B 28 -11.69 -20.84 -15.10
C LEU B 28 -11.41 -21.15 -13.62
N LYS B 29 -10.29 -20.64 -13.12
CA LYS B 29 -9.92 -20.89 -11.73
C LYS B 29 -10.75 -20.05 -10.76
N ALA B 30 -11.08 -18.82 -11.15
CA ALA B 30 -11.95 -17.95 -10.37
C ALA B 30 -13.32 -18.60 -10.21
N GLN B 31 -13.81 -19.22 -11.30
CA GLN B 31 -15.04 -19.97 -11.25
C GLN B 31 -14.94 -21.16 -10.31
N ILE B 32 -13.99 -22.04 -10.57
CA ILE B 32 -13.75 -23.17 -9.67
C ILE B 32 -13.68 -22.71 -8.21
N THR B 33 -12.98 -21.60 -7.96
CA THR B 33 -12.87 -21.06 -6.61
C THR B 33 -14.23 -20.58 -6.09
N GLN B 34 -15.07 -20.11 -7.02
CA GLN B 34 -16.39 -19.60 -6.66
C GLN B 34 -17.44 -20.70 -6.53
N LYS B 35 -16.98 -21.95 -6.46
CA LYS B 35 -17.91 -23.07 -6.34
C LYS B 35 -17.41 -24.12 -5.35
N ILE B 36 -16.11 -24.09 -5.05
CA ILE B 36 -15.55 -25.03 -4.09
C ILE B 36 -14.50 -24.38 -3.21
N GLY B 37 -14.31 -23.07 -3.37
CA GLY B 37 -13.52 -22.27 -2.44
C GLY B 37 -12.03 -22.48 -2.47
N VAL B 38 -11.55 -23.42 -3.29
CA VAL B 38 -10.13 -23.72 -3.37
C VAL B 38 -9.37 -22.62 -4.08
N HIS B 39 -8.51 -21.92 -3.34
CA HIS B 39 -7.76 -20.80 -3.89
C HIS B 39 -6.99 -21.17 -5.16
N ALA B 40 -7.06 -20.27 -6.13
CA ALA B 40 -6.41 -20.46 -7.42
C ALA B 40 -5.01 -21.05 -7.30
N PHE B 41 -4.22 -20.53 -6.36
CA PHE B 41 -2.81 -20.89 -6.26
C PHE B 41 -2.57 -22.34 -5.86
N GLN B 42 -3.61 -23.00 -5.36
CA GLN B 42 -3.55 -24.42 -5.03
C GLN B 42 -4.16 -25.33 -6.10
N GLN B 43 -4.64 -24.75 -7.20
CA GLN B 43 -5.27 -25.55 -8.24
C GLN B 43 -4.27 -25.98 -9.30
N ARG B 44 -4.36 -27.24 -9.71
CA ARG B 44 -3.63 -27.72 -10.86
C ARG B 44 -4.64 -28.30 -11.85
N LEU B 45 -4.49 -27.97 -13.13
CA LEU B 45 -5.48 -28.38 -14.12
C LEU B 45 -4.87 -29.08 -15.33
N ALA B 46 -5.66 -29.99 -15.90
CA ALA B 46 -5.23 -30.75 -17.07
C ALA B 46 -6.44 -31.18 -17.88
N VAL B 47 -6.28 -31.24 -19.20
CA VAL B 47 -7.35 -31.63 -20.10
C VAL B 47 -7.72 -33.11 -19.90
N HIS B 48 -9.00 -33.41 -19.79
CA HIS B 48 -9.44 -34.80 -19.70
C HIS B 48 -10.10 -35.26 -21.00
N PRO B 49 -9.73 -36.46 -21.46
CA PRO B 49 -8.84 -37.36 -20.72
C PRO B 49 -7.39 -37.36 -21.21
N SER B 50 -6.96 -36.33 -21.93
CA SER B 50 -5.61 -36.32 -22.48
C SER B 50 -4.52 -36.33 -21.40
N GLY B 51 -4.80 -35.69 -20.27
CA GLY B 51 -3.85 -35.62 -19.17
C GLY B 51 -2.88 -34.46 -19.31
N VAL B 52 -2.96 -33.78 -20.45
CA VAL B 52 -2.04 -32.67 -20.73
C VAL B 52 -2.30 -31.47 -19.79
N ALA B 53 -1.25 -31.02 -19.11
CA ALA B 53 -1.36 -29.87 -18.21
C ALA B 53 -2.00 -28.67 -18.92
N LEU B 54 -2.74 -27.85 -18.17
CA LEU B 54 -3.26 -26.62 -18.74
C LEU B 54 -2.22 -25.54 -18.64
N GLN B 55 -1.89 -24.95 -19.77
CA GLN B 55 -0.92 -23.87 -19.81
C GLN B 55 -1.55 -22.56 -19.34
N ASP B 56 -0.92 -21.96 -18.34
CA ASP B 56 -1.44 -20.76 -17.72
C ASP B 56 -1.54 -19.56 -18.69
N ARG B 57 -0.55 -19.42 -19.56
CA ARG B 57 -0.50 -18.27 -20.46
C ARG B 57 -0.94 -18.57 -21.90
N VAL B 58 -1.98 -19.38 -22.05
CA VAL B 58 -2.57 -19.60 -23.38
C VAL B 58 -4.09 -19.79 -23.31
N PRO B 59 -4.81 -19.27 -24.32
CA PRO B 59 -6.28 -19.35 -24.36
C PRO B 59 -6.76 -20.80 -24.31
N LEU B 60 -7.94 -21.02 -23.74
CA LEU B 60 -8.49 -22.37 -23.64
C LEU B 60 -8.77 -22.98 -25.01
N ALA B 61 -9.06 -22.15 -26.00
CA ALA B 61 -9.41 -22.62 -27.34
C ALA B 61 -8.20 -23.22 -28.06
N SER B 62 -7.01 -22.84 -27.60
CA SER B 62 -5.77 -23.32 -28.21
C SER B 62 -5.16 -24.49 -27.45
N GLN B 63 -5.89 -25.05 -26.51
CA GLN B 63 -5.41 -26.21 -25.78
C GLN B 63 -6.34 -27.41 -25.94
N GLY B 64 -7.33 -27.27 -26.82
CA GLY B 64 -8.28 -28.33 -27.09
C GLY B 64 -9.53 -28.22 -26.24
N LEU B 65 -9.72 -27.07 -25.60
CA LEU B 65 -10.88 -26.85 -24.75
C LEU B 65 -11.92 -25.96 -25.43
N GLY B 66 -13.17 -26.43 -25.45
CA GLY B 66 -14.26 -25.67 -25.99
C GLY B 66 -15.53 -25.97 -25.20
N PRO B 67 -16.70 -25.72 -25.80
CA PRO B 67 -17.99 -25.99 -25.18
C PRO B 67 -18.17 -27.44 -24.74
N GLY B 68 -18.26 -27.67 -23.44
CA GLY B 68 -18.52 -28.99 -22.90
C GLY B 68 -17.31 -29.92 -22.82
N SER B 69 -16.14 -29.35 -22.59
CA SER B 69 -14.92 -30.15 -22.41
C SER B 69 -14.80 -30.60 -20.96
N THR B 70 -13.80 -31.44 -20.68
CA THR B 70 -13.55 -31.89 -19.31
C THR B 70 -12.11 -31.63 -18.88
N VAL B 71 -11.97 -31.16 -17.64
CA VAL B 71 -10.66 -30.95 -17.03
C VAL B 71 -10.58 -31.66 -15.68
N LEU B 72 -9.37 -32.09 -15.32
CA LEU B 72 -9.12 -32.71 -14.04
C LEU B 72 -8.51 -31.69 -13.06
N LEU B 73 -9.19 -31.44 -11.95
CA LEU B 73 -8.65 -30.58 -10.91
C LEU B 73 -7.88 -31.38 -9.87
N VAL B 74 -6.59 -31.07 -9.75
CA VAL B 74 -5.77 -31.63 -8.69
C VAL B 74 -5.43 -30.53 -7.69
N VAL B 75 -5.71 -30.76 -6.42
CA VAL B 75 -5.41 -29.77 -5.39
C VAL B 75 -4.03 -29.98 -4.79
N ASP B 76 -3.13 -29.04 -5.02
CA ASP B 76 -1.79 -29.09 -4.42
C ASP B 76 -1.75 -28.40 -3.07
N LYS B 77 -1.12 -29.06 -2.11
CA LYS B 77 -0.95 -28.49 -0.77
C LYS B 77 -0.43 -27.05 -0.85
N SER B 78 0.85 -26.92 -1.23
CA SER B 78 1.51 -25.61 -1.27
C SER B 78 1.69 -25.06 0.14
N ASP B 79 1.89 -25.96 1.11
CA ASP B 79 2.08 -25.58 2.50
C ASP B 79 3.54 -25.74 2.91
N GLU B 80 4.42 -25.85 1.92
CA GLU B 80 5.86 -25.93 2.16
C GLU B 80 6.43 -24.58 2.58
N PRO B 81 6.95 -24.49 3.81
CA PRO B 81 7.51 -23.24 4.36
C PRO B 81 8.55 -22.61 3.44
N LEU B 82 8.68 -21.29 3.51
CA LEU B 82 9.68 -20.58 2.71
C LEU B 82 10.09 -19.27 3.36
N ASN B 83 11.20 -18.70 2.91
CA ASN B 83 11.70 -17.43 3.44
C ASN B 83 11.42 -16.27 2.50
N ILE B 84 10.92 -15.17 3.07
CA ILE B 84 10.73 -13.94 2.30
C ILE B 84 11.30 -12.76 3.09
N LEU B 85 11.45 -11.63 2.41
CA LEU B 85 11.97 -10.43 3.05
C LEU B 85 10.83 -9.48 3.31
N VAL B 86 10.85 -8.78 4.43
CA VAL B 86 9.96 -7.65 4.63
C VAL B 86 10.79 -6.43 4.97
N ARG B 87 10.67 -5.41 4.14
CA ARG B 87 11.50 -4.24 4.26
C ARG B 87 10.81 -3.13 5.08
N ASN B 88 11.49 -2.62 6.10
CA ASN B 88 10.86 -1.61 6.96
C ASN B 88 11.04 -0.21 6.41
N ASN B 89 10.56 0.78 7.16
CA ASN B 89 10.58 2.18 6.75
C ASN B 89 11.98 2.76 6.56
N LYS B 90 12.95 2.20 7.27
CA LYS B 90 14.35 2.60 7.10
C LYS B 90 15.00 1.92 5.89
N GLY B 91 14.26 1.06 5.22
CA GLY B 91 14.79 0.37 4.06
C GLY B 91 15.58 -0.87 4.44
N ARG B 92 15.39 -1.32 5.67
CA ARG B 92 16.09 -2.48 6.18
C ARG B 92 15.15 -3.68 6.21
N SER B 93 15.57 -4.77 5.56
CA SER B 93 14.77 -5.98 5.52
C SER B 93 15.13 -6.96 6.64
N SER B 94 14.15 -7.73 7.05
CA SER B 94 14.34 -8.88 7.92
C SER B 94 13.72 -10.08 7.23
N THR B 95 14.13 -11.27 7.65
CA THR B 95 13.71 -12.49 7.01
C THR B 95 12.60 -13.18 7.80
N TYR B 96 11.57 -13.64 7.09
CA TYR B 96 10.45 -14.35 7.72
C TYR B 96 10.19 -15.70 7.05
N GLU B 97 10.00 -16.74 7.86
CA GLU B 97 9.56 -18.02 7.34
C GLU B 97 8.04 -18.04 7.30
N VAL B 98 7.49 -18.47 6.19
CA VAL B 98 6.05 -18.47 6.03
C VAL B 98 5.60 -19.66 5.20
N ARG B 99 4.28 -19.86 5.14
CA ARG B 99 3.69 -20.83 4.24
C ARG B 99 2.70 -20.09 3.37
N LEU B 100 2.64 -20.41 2.08
CA LEU B 100 1.74 -19.71 1.18
C LEU B 100 0.28 -19.81 1.65
N THR B 101 0.03 -20.70 2.60
CA THR B 101 -1.32 -20.91 3.12
C THR B 101 -1.65 -20.00 4.32
N GLN B 102 -0.63 -19.41 4.92
CA GLN B 102 -0.83 -18.42 5.97
C GLN B 102 -1.52 -17.18 5.43
N THR B 103 -2.24 -16.48 6.29
CA THR B 103 -2.92 -15.26 5.88
C THR B 103 -1.97 -14.06 5.92
N VAL B 104 -2.36 -13.00 5.24
CA VAL B 104 -1.69 -11.71 5.35
C VAL B 104 -1.68 -11.22 6.80
N ALA B 105 -2.80 -11.41 7.50
CA ALA B 105 -2.91 -10.92 8.88
C ALA B 105 -1.89 -11.62 9.77
N HIS B 106 -1.65 -12.90 9.49
CA HIS B 106 -0.66 -13.67 10.23
C HIS B 106 0.75 -13.15 9.99
N LEU B 107 1.08 -12.86 8.73
CA LEU B 107 2.36 -12.25 8.40
C LEU B 107 2.50 -10.91 9.13
N LYS B 108 1.41 -10.15 9.19
CA LYS B 108 1.44 -8.86 9.86
C LYS B 108 1.77 -9.01 11.34
N GLN B 109 1.29 -10.08 11.97
CA GLN B 109 1.59 -10.40 13.36
C GLN B 109 3.09 -10.62 13.54
N GLN B 110 3.72 -11.33 12.61
CA GLN B 110 5.15 -11.56 12.68
C GLN B 110 5.92 -10.25 12.49
N VAL B 111 5.56 -9.48 11.48
CA VAL B 111 6.21 -8.20 11.23
C VAL B 111 6.09 -7.29 12.44
N SER B 112 4.91 -7.31 13.07
CA SER B 112 4.63 -6.46 14.21
C SER B 112 5.52 -6.77 15.40
N GLY B 113 5.70 -8.05 15.69
CA GLY B 113 6.56 -8.49 16.77
C GLY B 113 8.01 -8.16 16.53
N LEU B 114 8.45 -8.25 15.28
CA LEU B 114 9.86 -7.99 14.99
C LEU B 114 10.18 -6.49 14.91
N GLU B 115 9.25 -5.71 14.40
CA GLU B 115 9.49 -4.30 14.15
C GLU B 115 9.15 -3.43 15.35
N GLY B 116 8.25 -3.94 16.20
CA GLY B 116 7.72 -3.15 17.30
C GLY B 116 6.69 -2.12 16.87
N VAL B 117 5.93 -2.42 15.82
CA VAL B 117 4.86 -1.53 15.36
C VAL B 117 3.54 -2.29 15.36
N GLN B 118 2.53 -1.74 15.99
CA GLN B 118 1.25 -2.44 16.07
C GLN B 118 0.62 -2.56 14.68
N ASP B 119 -0.13 -3.63 14.47
CA ASP B 119 -0.58 -3.99 13.14
C ASP B 119 -1.51 -2.98 12.48
N ASP B 120 -2.04 -2.04 13.26
CA ASP B 120 -2.97 -1.08 12.68
C ASP B 120 -2.23 0.19 12.29
N LEU B 121 -0.91 0.12 12.35
CA LEU B 121 -0.08 1.27 12.02
C LEU B 121 0.81 1.03 10.80
N PHE B 122 0.60 -0.09 10.11
CA PHE B 122 1.28 -0.33 8.84
C PHE B 122 0.47 -1.21 7.89
N TRP B 123 0.73 -1.08 6.59
CA TRP B 123 0.13 -1.97 5.61
C TRP B 123 1.22 -2.51 4.70
N LEU B 124 0.99 -3.70 4.17
CA LEU B 124 2.00 -4.36 3.34
C LEU B 124 1.65 -4.33 1.85
N THR B 125 2.69 -4.29 1.03
CA THR B 125 2.56 -4.37 -0.42
C THR B 125 3.53 -5.41 -1.02
N PHE B 126 3.12 -6.03 -2.13
CA PHE B 126 4.00 -6.87 -2.91
C PHE B 126 3.78 -6.54 -4.37
N GLU B 127 4.85 -6.15 -5.06
CA GLU B 127 4.75 -5.78 -6.46
C GLU B 127 3.55 -4.88 -6.76
N GLY B 128 3.36 -3.84 -5.94
CA GLY B 128 2.38 -2.80 -6.22
C GLY B 128 0.97 -3.15 -5.84
N LYS B 129 0.80 -4.29 -5.17
CA LYS B 129 -0.50 -4.72 -4.67
C LYS B 129 -0.47 -4.65 -3.16
N PRO B 130 -1.47 -3.99 -2.57
CA PRO B 130 -1.65 -4.01 -1.11
C PRO B 130 -2.05 -5.42 -0.72
N LEU B 131 -1.51 -5.95 0.37
CA LEU B 131 -1.91 -7.28 0.80
C LEU B 131 -3.13 -7.18 1.71
N GLU B 132 -4.19 -7.92 1.39
CA GLU B 132 -5.42 -7.90 2.17
C GLU B 132 -5.40 -8.92 3.32
N ASP B 133 -5.68 -8.44 4.53
CA ASP B 133 -5.50 -9.24 5.75
C ASP B 133 -6.04 -10.66 5.70
N GLN B 134 -7.18 -10.85 5.05
CA GLN B 134 -7.90 -12.11 5.14
C GLN B 134 -7.44 -13.11 4.10
N LEU B 135 -6.60 -12.66 3.17
CA LEU B 135 -6.19 -13.51 2.06
C LEU B 135 -4.89 -14.27 2.37
N PRO B 136 -4.72 -15.43 1.74
CA PRO B 136 -3.51 -16.24 1.88
C PRO B 136 -2.37 -15.57 1.14
N LEU B 137 -1.15 -15.72 1.65
CA LEU B 137 0.02 -15.17 0.96
C LEU B 137 0.13 -15.70 -0.45
N GLY B 138 -0.30 -16.94 -0.66
CA GLY B 138 -0.16 -17.61 -1.94
C GLY B 138 -0.87 -16.89 -3.07
N GLU B 139 -1.92 -16.15 -2.73
CA GLU B 139 -2.71 -15.41 -3.70
C GLU B 139 -1.93 -14.27 -4.37
N TYR B 140 -0.77 -13.92 -3.81
CA TYR B 140 0.01 -12.80 -4.32
C TYR B 140 1.23 -13.26 -5.10
N GLY B 141 1.45 -14.57 -5.11
CA GLY B 141 2.55 -15.14 -5.89
C GLY B 141 3.90 -14.90 -5.26
N LEU B 142 3.96 -14.95 -3.93
CA LEU B 142 5.23 -14.76 -3.23
C LEU B 142 6.16 -15.94 -3.47
N LYS B 143 7.45 -15.66 -3.54
CA LYS B 143 8.45 -16.68 -3.80
C LYS B 143 9.54 -16.58 -2.77
N PRO B 144 10.42 -17.60 -2.69
CA PRO B 144 11.57 -17.53 -1.81
C PRO B 144 12.38 -16.25 -2.05
N LEU B 145 12.66 -15.51 -0.99
CA LEU B 145 13.38 -14.24 -1.04
C LEU B 145 12.66 -13.12 -1.81
N SER B 146 11.36 -13.25 -1.99
CA SER B 146 10.53 -12.12 -2.41
C SER B 146 10.61 -11.02 -1.34
N THR B 147 10.63 -9.76 -1.77
CA THR B 147 10.62 -8.64 -0.85
C THR B 147 9.25 -7.96 -0.75
N VAL B 148 8.68 -7.99 0.44
CA VAL B 148 7.48 -7.24 0.72
C VAL B 148 7.83 -5.88 1.38
N PHE B 149 7.05 -4.86 1.09
CA PHE B 149 7.25 -3.56 1.74
C PHE B 149 6.35 -3.38 2.95
N MET B 150 6.94 -2.94 4.05
CA MET B 150 6.17 -2.54 5.22
C MET B 150 5.93 -1.03 5.13
N ASN B 151 4.68 -0.63 4.94
CA ASN B 151 4.33 0.79 4.79
C ASN B 151 3.72 1.39 6.06
N LEU B 152 4.37 2.40 6.60
CA LEU B 152 3.94 3.01 7.87
C LEU B 152 2.79 4.00 7.70
N ARG B 153 1.83 3.91 8.62
CA ARG B 153 0.83 4.94 8.81
C ARG B 153 1.35 5.97 9.82
N LEU B 154 1.49 7.22 9.39
CA LEU B 154 2.01 8.27 10.25
C LEU B 154 0.90 9.23 10.69
N ARG B 155 0.77 9.42 12.00
CA ARG B 155 -0.21 10.38 12.52
C ARG B 155 0.47 11.47 13.34
N GLY B 156 -0.15 12.63 13.43
CA GLY B 156 0.45 13.72 14.16
C GLY B 156 -0.50 14.88 14.40
#